data_1FZO
#
_entry.id   1FZO
#
_cell.length_a   136.31
_cell.length_b   87.35
_cell.length_c   45.17
_cell.angle_alpha   90.00
_cell.angle_beta   90.00
_cell.angle_gamma   90.00
#
_symmetry.space_group_name_H-M   'P 21 21 2'
#
loop_
_entity.id
_entity.type
_entity.pdbx_description
1 polymer 'H-2 CLASS I HISTOCOMPATIBILITY ANTIGEN, K-B ALPHA CHAIN'
2 polymer 'PROTEIN (BETA-2-MICROGLOBULIN)'
3 polymer 'PROTEIN (NUCLEOCAPSID PROTEIN)'
4 branched beta-L-fucopyranose-(1-6)-2-acetamido-2-deoxy-beta-D-glucopyranose
5 non-polymer 2-acetamido-2-deoxy-beta-D-glucopyranose
6 non-polymer (4R)-2-METHYLPENTANE-2,4-DIOL
7 non-polymer (4S)-2-METHYL-2,4-PENTANEDIOL
8 non-polymer 'PHOSPHATE ION'
9 water water
#
loop_
_entity_poly.entity_id
_entity_poly.type
_entity_poly.pdbx_seq_one_letter_code
_entity_poly.pdbx_strand_id
1 'polypeptide(L)'
;GPHSLRYFVTAVSRPGLGEPRFISVGYVDNTEFVRFDSDAENPRYEPRARWMEQEGPEYWERETQKAKGNEQSFRVDLRT
LLGYYNQSKGGSHTIQVISGCEVGSDGRLLRGYQQYAYDG(CSO)DYIALNEDLKTWTAADMAALITKHKWEQAGEAERL
RAYLEGTCVEWLRRYLKNGNATLLRTDSPKAHVTHHSRPEDKVTLRCWALGFYPADITLTWQLNGEELIQDMELVETRPA
GDGTFQKWASVVVPLGKEQYYTCHVYHQGLPEPLTLRW
;
A
2 'polypeptide(L)'
;IQKTPQIQVYSRHPPENGKPNILNCYVTQFHPPHIEIQMLKNGKKIPKVEMSDMSFSKDWSFYILAHTEFTPTETDTYAC
RVKHDSMAEPKTVYWDRDM
;
B
3 'polypeptide(L)' FAPGNYPAL P
#
# COMPACT_ATOMS: atom_id res chain seq x y z
N GLY A 1 18.44 9.52 -1.68
CA GLY A 1 18.28 8.37 -2.62
C GLY A 1 17.19 8.66 -3.63
N PRO A 2 16.73 7.66 -4.39
CA PRO A 2 15.68 7.84 -5.40
C PRO A 2 14.31 8.03 -4.78
N HIS A 3 13.38 8.60 -5.55
CA HIS A 3 12.04 8.84 -5.07
C HIS A 3 11.02 8.59 -6.17
N SER A 4 9.77 8.38 -5.78
CA SER A 4 8.74 8.10 -6.76
C SER A 4 7.43 8.85 -6.51
N LEU A 5 6.70 9.08 -7.58
CA LEU A 5 5.38 9.69 -7.53
C LEU A 5 4.51 8.65 -8.22
N ARG A 6 3.53 8.12 -7.49
CA ARG A 6 2.68 7.07 -8.04
C ARG A 6 1.22 7.33 -7.76
N TYR A 7 0.38 6.94 -8.70
CA TYR A 7 -1.06 7.07 -8.55
C TYR A 7 -1.69 5.72 -8.76
N PHE A 8 -2.40 5.25 -7.74
CA PHE A 8 -3.09 3.97 -7.80
C PHE A 8 -4.56 4.25 -8.01
N VAL A 9 -5.08 3.76 -9.13
CA VAL A 9 -6.47 3.96 -9.48
C VAL A 9 -7.22 2.65 -9.50
N THR A 10 -8.40 2.64 -8.91
CA THR A 10 -9.25 1.46 -8.85
C THR A 10 -10.68 1.85 -9.18
N ALA A 11 -11.31 1.12 -10.10
CA ALA A 11 -12.70 1.39 -10.46
C ALA A 11 -13.40 0.04 -10.37
N VAL A 12 -14.47 0.00 -9.60
CA VAL A 12 -15.19 -1.26 -9.40
C VAL A 12 -16.67 -1.12 -9.65
N SER A 13 -17.21 -1.91 -10.56
CA SER A 13 -18.63 -1.83 -10.83
C SER A 13 -19.45 -2.54 -9.76
N ARG A 14 -20.67 -2.09 -9.55
CA ARG A 14 -21.53 -2.73 -8.57
C ARG A 14 -22.93 -2.74 -9.13
N PRO A 15 -23.21 -3.72 -9.99
CA PRO A 15 -24.51 -3.87 -10.62
C PRO A 15 -25.62 -3.84 -9.58
N GLY A 16 -26.68 -3.11 -9.89
CA GLY A 16 -27.82 -3.02 -8.98
C GLY A 16 -27.62 -2.05 -7.83
N LEU A 17 -26.43 -1.48 -7.71
CA LEU A 17 -26.15 -0.57 -6.61
C LEU A 17 -25.66 0.80 -7.07
N GLY A 18 -25.94 1.14 -8.32
CA GLY A 18 -25.54 2.45 -8.80
C GLY A 18 -24.21 2.53 -9.53
N GLU A 19 -23.63 3.72 -9.51
CA GLU A 19 -22.38 4.00 -10.18
C GLU A 19 -21.21 3.23 -9.58
N PRO A 20 -20.16 2.98 -10.38
CA PRO A 20 -18.98 2.26 -9.90
C PRO A 20 -18.27 3.04 -8.80
N ARG A 21 -17.51 2.32 -7.98
CA ARG A 21 -16.74 2.95 -6.91
C ARG A 21 -15.46 3.37 -7.65
N PHE A 22 -15.00 4.60 -7.43
CA PHE A 22 -13.77 5.05 -8.08
C PHE A 22 -12.86 5.66 -7.04
N ILE A 23 -11.63 5.16 -6.97
CA ILE A 23 -10.68 5.67 -6.01
C ILE A 23 -9.34 5.91 -6.68
N SER A 24 -8.74 7.04 -6.37
CA SER A 24 -7.42 7.37 -6.89
C SER A 24 -6.62 7.78 -5.68
N VAL A 25 -5.50 7.10 -5.44
CA VAL A 25 -4.66 7.43 -4.30
C VAL A 25 -3.25 7.72 -4.80
N GLY A 26 -2.72 8.85 -4.36
CA GLY A 26 -1.39 9.24 -4.76
C GLY A 26 -0.38 9.06 -3.66
N TYR A 27 0.83 8.65 -4.04
CA TYR A 27 1.93 8.46 -3.11
C TYR A 27 3.23 9.09 -3.58
N VAL A 28 3.97 9.67 -2.64
CA VAL A 28 5.33 10.11 -2.94
C VAL A 28 6.06 9.04 -2.13
N ASP A 29 6.91 8.26 -2.79
CA ASP A 29 7.61 7.15 -2.13
C ASP A 29 6.52 6.26 -1.57
N ASN A 30 6.58 5.92 -0.28
CA ASN A 30 5.53 5.06 0.29
C ASN A 30 4.60 5.78 1.25
N THR A 31 4.51 7.09 1.07
CA THR A 31 3.64 7.89 1.91
C THR A 31 2.47 8.44 1.11
N GLU A 32 1.26 8.14 1.55
CA GLU A 32 0.05 8.60 0.87
C GLU A 32 0.00 10.13 1.02
N PHE A 33 -0.23 10.85 -0.08
CA PHE A 33 -0.29 12.31 0.05
C PHE A 33 -1.57 12.94 -0.48
N VAL A 34 -2.30 12.24 -1.35
CA VAL A 34 -3.58 12.73 -1.87
C VAL A 34 -4.51 11.56 -2.12
N ARG A 35 -5.81 11.84 -2.13
CA ARG A 35 -6.78 10.81 -2.38
C ARG A 35 -8.10 11.35 -2.86
N PHE A 36 -8.77 10.57 -3.70
CA PHE A 36 -10.11 10.89 -4.16
C PHE A 36 -10.89 9.60 -4.04
N ASP A 37 -12.04 9.64 -3.38
CA ASP A 37 -12.88 8.45 -3.23
C ASP A 37 -14.32 8.85 -3.58
N SER A 38 -14.86 8.25 -4.63
CA SER A 38 -16.21 8.56 -5.10
C SER A 38 -17.32 8.31 -4.08
N ASP A 39 -17.03 7.51 -3.06
CA ASP A 39 -18.06 7.21 -2.07
C ASP A 39 -18.26 8.21 -0.95
N ALA A 40 -18.63 9.42 -1.33
CA ALA A 40 -18.92 10.49 -0.37
C ALA A 40 -20.00 11.33 -1.02
N GLU A 41 -20.80 12.02 -0.22
CA GLU A 41 -21.87 12.84 -0.77
C GLU A 41 -21.26 13.90 -1.69
N ASN A 42 -20.12 14.44 -1.26
CA ASN A 42 -19.42 15.50 -1.99
C ASN A 42 -17.95 15.13 -2.24
N PRO A 43 -17.70 14.10 -3.08
CA PRO A 43 -16.33 13.67 -3.39
C PRO A 43 -15.43 14.81 -3.86
N ARG A 44 -14.32 15.01 -3.16
CA ARG A 44 -13.37 16.06 -3.51
C ARG A 44 -11.99 15.44 -3.41
N TYR A 45 -11.03 15.99 -4.14
CA TYR A 45 -9.66 15.54 -4.07
C TYR A 45 -9.15 16.09 -2.73
N GLU A 46 -8.57 15.24 -1.88
CA GLU A 46 -8.13 15.69 -0.55
C GLU A 46 -6.67 15.41 -0.21
N PRO A 47 -6.05 16.30 0.59
CA PRO A 47 -4.65 16.14 1.01
C PRO A 47 -4.61 15.02 2.06
N ARG A 48 -3.54 14.23 2.06
CA ARG A 48 -3.41 13.13 3.01
C ARG A 48 -2.10 13.28 3.76
N ALA A 49 -1.34 14.30 3.39
CA ALA A 49 -0.07 14.60 4.04
C ALA A 49 -0.08 16.09 4.43
N ARG A 50 0.45 16.41 5.60
CA ARG A 50 0.46 17.79 6.06
C ARG A 50 1.07 18.80 5.10
N TRP A 51 2.21 18.47 4.49
CA TRP A 51 2.84 19.43 3.60
C TRP A 51 2.03 19.80 2.36
N MET A 52 0.97 19.04 2.05
CA MET A 52 0.13 19.39 0.90
C MET A 52 -0.72 20.64 1.19
N GLU A 53 -0.63 21.16 2.42
CA GLU A 53 -1.34 22.40 2.76
C GLU A 53 -0.68 23.54 1.97
N GLN A 54 0.53 23.30 1.48
CA GLN A 54 1.25 24.30 0.73
C GLN A 54 0.72 24.55 -0.68
N GLU A 55 -0.23 23.74 -1.15
CA GLU A 55 -0.79 23.94 -2.49
C GLU A 55 -2.00 24.87 -2.34
N GLY A 56 -2.23 25.71 -3.34
CA GLY A 56 -3.37 26.61 -3.23
C GLY A 56 -4.67 25.94 -3.60
N PRO A 57 -5.79 26.66 -3.51
CA PRO A 57 -7.08 26.06 -3.86
C PRO A 57 -7.23 25.59 -5.31
N GLU A 58 -6.49 26.21 -6.24
CA GLU A 58 -6.57 25.80 -7.65
C GLU A 58 -6.08 24.38 -7.86
N TYR A 59 -5.10 23.97 -7.06
CA TYR A 59 -4.56 22.61 -7.17
C TYR A 59 -5.70 21.63 -6.92
N TRP A 60 -6.42 21.86 -5.82
CA TRP A 60 -7.53 20.99 -5.44
C TRP A 60 -8.71 21.03 -6.39
N GLU A 61 -9.03 22.22 -6.90
CA GLU A 61 -10.15 22.35 -7.83
C GLU A 61 -9.82 21.58 -9.12
N ARG A 62 -8.59 21.72 -9.60
CA ARG A 62 -8.18 21.03 -10.82
C ARG A 62 -8.14 19.52 -10.65
N GLU A 63 -7.50 19.06 -9.58
CA GLU A 63 -7.43 17.64 -9.35
C GLU A 63 -8.82 17.04 -9.16
N THR A 64 -9.72 17.78 -8.51
CA THR A 64 -11.08 17.28 -8.32
C THR A 64 -11.80 17.16 -9.68
N GLN A 65 -11.66 18.19 -10.53
CA GLN A 65 -12.30 18.15 -11.84
C GLN A 65 -11.80 16.94 -12.62
N LYS A 66 -10.50 16.73 -12.59
CA LYS A 66 -9.88 15.62 -13.30
C LYS A 66 -10.42 14.30 -12.76
N ALA A 67 -10.53 14.18 -11.43
CA ALA A 67 -11.03 12.95 -10.83
C ALA A 67 -12.46 12.64 -11.27
N LYS A 68 -13.31 13.66 -11.31
CA LYS A 68 -14.68 13.42 -11.73
C LYS A 68 -14.70 12.98 -13.18
N GLY A 69 -13.74 13.48 -13.96
CA GLY A 69 -13.64 13.09 -15.35
C GLY A 69 -13.25 11.62 -15.42
N ASN A 70 -12.40 11.18 -14.50
CA ASN A 70 -11.97 9.78 -14.45
C ASN A 70 -13.13 8.85 -14.11
N GLU A 71 -13.95 9.25 -13.14
CA GLU A 71 -15.09 8.42 -12.78
C GLU A 71 -15.88 8.09 -14.02
N GLN A 72 -16.06 9.09 -14.87
CA GLN A 72 -16.82 8.89 -16.08
C GLN A 72 -16.13 7.99 -17.09
N SER A 73 -14.85 8.22 -17.34
CA SER A 73 -14.16 7.40 -18.32
C SER A 73 -14.03 5.94 -17.84
N PHE A 74 -13.82 5.75 -16.53
CA PHE A 74 -13.71 4.37 -16.07
C PHE A 74 -15.07 3.68 -16.07
N ARG A 75 -16.15 4.45 -15.90
CA ARG A 75 -17.48 3.85 -15.93
C ARG A 75 -17.69 3.33 -17.35
N VAL A 76 -17.25 4.11 -18.34
CA VAL A 76 -17.35 3.68 -19.74
C VAL A 76 -16.46 2.45 -19.95
N ASP A 77 -15.25 2.47 -19.40
CA ASP A 77 -14.31 1.36 -19.53
C ASP A 77 -14.92 0.04 -19.02
N LEU A 78 -15.59 0.10 -17.87
CA LEU A 78 -16.22 -1.11 -17.33
C LEU A 78 -17.23 -1.68 -18.31
N ARG A 79 -18.02 -0.81 -18.93
CA ARG A 79 -19.00 -1.29 -19.91
C ARG A 79 -18.32 -1.87 -21.16
N THR A 80 -17.31 -1.16 -21.66
CA THR A 80 -16.58 -1.59 -22.85
C THR A 80 -15.98 -2.97 -22.66
N LEU A 81 -15.35 -3.17 -21.51
CA LEU A 81 -14.72 -4.45 -21.22
C LEU A 81 -15.75 -5.59 -21.14
N LEU A 82 -16.99 -5.29 -20.77
CA LEU A 82 -18.02 -6.33 -20.76
C LEU A 82 -18.22 -6.81 -22.20
N GLY A 83 -18.09 -5.89 -23.15
CA GLY A 83 -18.25 -6.24 -24.55
C GLY A 83 -17.04 -6.99 -25.06
N TYR A 84 -15.85 -6.50 -24.75
CA TYR A 84 -14.62 -7.14 -25.19
C TYR A 84 -14.53 -8.59 -24.73
N TYR A 85 -14.93 -8.84 -23.49
CA TYR A 85 -14.85 -10.18 -22.90
C TYR A 85 -16.16 -10.98 -22.94
N ASN A 86 -17.19 -10.39 -23.51
CA ASN A 86 -18.49 -11.04 -23.60
C ASN A 86 -19.00 -11.50 -22.24
N GLN A 87 -18.99 -10.58 -21.27
CA GLN A 87 -19.46 -10.87 -19.91
C GLN A 87 -20.79 -10.18 -19.68
N SER A 88 -21.55 -10.65 -18.69
CA SER A 88 -22.85 -10.07 -18.38
C SER A 88 -22.79 -8.84 -17.49
N LYS A 89 -23.90 -8.12 -17.42
CA LYS A 89 -24.02 -6.90 -16.63
C LYS A 89 -24.32 -7.18 -15.17
N GLY A 90 -24.44 -8.46 -14.81
CA GLY A 90 -24.76 -8.80 -13.45
C GLY A 90 -23.62 -8.92 -12.47
N GLY A 91 -22.40 -9.10 -12.96
CA GLY A 91 -21.28 -9.26 -12.05
C GLY A 91 -20.42 -8.02 -11.80
N SER A 92 -19.68 -8.03 -10.71
CA SER A 92 -18.79 -6.91 -10.40
C SER A 92 -17.43 -7.16 -11.02
N HIS A 93 -16.85 -6.12 -11.61
CA HIS A 93 -15.52 -6.24 -12.20
C HIS A 93 -14.66 -5.10 -11.72
N THR A 94 -13.34 -5.25 -11.84
CA THR A 94 -12.40 -4.26 -11.34
C THR A 94 -11.36 -3.85 -12.36
N ILE A 95 -11.15 -2.55 -12.49
CA ILE A 95 -10.08 -2.06 -13.34
C ILE A 95 -9.08 -1.40 -12.38
N GLN A 96 -7.81 -1.65 -12.60
CA GLN A 96 -6.77 -1.05 -11.79
C GLN A 96 -5.73 -0.43 -12.67
N VAL A 97 -5.19 0.70 -12.23
CA VAL A 97 -4.16 1.34 -12.98
C VAL A 97 -3.11 1.87 -12.05
N ILE A 98 -1.85 1.68 -12.42
CA ILE A 98 -0.76 2.26 -11.65
C ILE A 98 0.03 3.10 -12.65
N SER A 99 0.22 4.37 -12.32
CA SER A 99 0.97 5.30 -13.16
C SER A 99 2.00 5.98 -12.27
N GLY A 100 3.20 6.21 -12.79
CA GLY A 100 4.19 6.88 -11.99
C GLY A 100 5.52 7.14 -12.65
N CYS A 101 6.35 7.89 -11.93
CA CYS A 101 7.69 8.22 -12.38
C CYS A 101 8.60 8.15 -11.16
N GLU A 102 9.86 7.88 -11.42
CA GLU A 102 10.84 7.78 -10.38
C GLU A 102 12.07 8.60 -10.77
N VAL A 103 12.63 9.34 -9.81
CA VAL A 103 13.81 10.13 -10.07
C VAL A 103 14.95 9.67 -9.16
N GLY A 104 16.19 9.98 -9.56
CA GLY A 104 17.33 9.64 -8.74
C GLY A 104 17.51 10.72 -7.69
N SER A 105 18.55 10.60 -6.88
N SER A 105 18.56 10.59 -6.89
CA SER A 105 18.80 11.58 -5.83
CA SER A 105 18.85 11.57 -5.84
C SER A 105 19.04 12.97 -6.40
C SER A 105 19.04 12.97 -6.40
N ASP A 106 19.42 13.05 -7.67
CA ASP A 106 19.65 14.34 -8.33
C ASP A 106 18.40 14.89 -9.00
N GLY A 107 17.28 14.21 -8.81
CA GLY A 107 16.03 14.67 -9.38
C GLY A 107 15.80 14.35 -10.85
N ARG A 108 16.70 13.59 -11.46
CA ARG A 108 16.54 13.25 -12.88
C ARG A 108 15.77 11.94 -13.05
N LEU A 109 14.96 11.88 -14.11
CA LEU A 109 14.15 10.71 -14.40
C LEU A 109 14.91 9.40 -14.52
N LEU A 110 14.43 8.38 -13.82
CA LEU A 110 15.01 7.04 -13.88
C LEU A 110 14.09 6.17 -14.71
N ARG A 111 12.79 6.29 -14.49
CA ARG A 111 11.83 5.47 -15.25
C ARG A 111 10.42 5.96 -15.05
N GLY A 112 9.56 5.59 -16.00
CA GLY A 112 8.17 5.98 -15.92
C GLY A 112 7.35 4.79 -16.33
N TYR A 113 6.11 4.75 -15.91
CA TYR A 113 5.27 3.61 -16.24
C TYR A 113 3.79 3.83 -16.05
N GLN A 114 3.02 2.99 -16.74
CA GLN A 114 1.59 2.98 -16.57
C GLN A 114 1.12 1.60 -16.97
N GLN A 115 0.48 0.90 -16.05
CA GLN A 115 -0.01 -0.44 -16.33
C GLN A 115 -1.44 -0.59 -15.86
N TYR A 116 -2.20 -1.37 -16.63
CA TYR A 116 -3.61 -1.63 -16.36
C TYR A 116 -3.82 -3.11 -16.09
N ALA A 117 -4.84 -3.41 -15.29
CA ALA A 117 -5.25 -4.78 -14.98
C ALA A 117 -6.77 -4.80 -14.98
N TYR A 118 -7.34 -5.91 -15.43
CA TYR A 118 -8.79 -6.10 -15.43
C TYR A 118 -9.00 -7.37 -14.61
N ASP A 119 -9.82 -7.26 -13.57
CA ASP A 119 -10.10 -8.35 -12.66
C ASP A 119 -8.83 -9.00 -12.13
N GLY A 120 -7.85 -8.17 -11.81
CA GLY A 120 -6.60 -8.66 -11.24
C GLY A 120 -5.60 -9.28 -12.17
N ASP A 122 -3.08 -8.75 -15.74
CA ASP A 122 -2.47 -7.78 -16.65
C ASP A 122 -3.39 -7.56 -17.84
N TYR A 123 -3.54 -6.31 -18.26
CA TYR A 123 -4.38 -5.98 -19.39
C TYR A 123 -3.49 -5.32 -20.44
N ILE A 124 -3.02 -4.12 -20.14
CA ILE A 124 -2.13 -3.41 -21.06
C ILE A 124 -1.12 -2.60 -20.27
N ALA A 125 0.07 -2.43 -20.83
CA ALA A 125 1.11 -1.67 -20.15
C ALA A 125 1.96 -0.90 -21.12
N LEU A 126 2.44 0.25 -20.66
CA LEU A 126 3.33 1.05 -21.49
C LEU A 126 4.70 0.39 -21.39
N ASN A 127 5.39 0.20 -22.51
CA ASN A 127 6.71 -0.40 -22.48
C ASN A 127 7.68 0.62 -21.86
N GLU A 128 8.84 0.12 -21.45
CA GLU A 128 9.86 0.98 -20.81
C GLU A 128 10.31 2.17 -21.66
N ASP A 129 10.26 2.01 -22.98
CA ASP A 129 10.66 3.08 -23.88
C ASP A 129 9.68 4.25 -23.88
N LEU A 130 8.53 4.04 -23.25
CA LEU A 130 7.47 5.05 -23.15
C LEU A 130 6.92 5.39 -24.53
N LYS A 131 7.19 4.55 -25.51
CA LYS A 131 6.73 4.78 -26.87
C LYS A 131 5.65 3.81 -27.35
N THR A 132 5.70 2.56 -26.92
CA THR A 132 4.71 1.59 -27.36
C THR A 132 4.07 0.86 -26.19
N TRP A 133 2.97 0.16 -26.48
CA TRP A 133 2.26 -0.59 -25.45
C TRP A 133 2.39 -2.09 -25.67
N THR A 134 2.25 -2.84 -24.60
CA THR A 134 2.24 -4.27 -24.77
C THR A 134 0.90 -4.76 -24.20
N ALA A 135 0.17 -5.55 -24.99
CA ALA A 135 -1.16 -6.07 -24.63
C ALA A 135 -1.13 -7.53 -24.19
N ALA A 136 -1.79 -7.83 -23.07
CA ALA A 136 -1.77 -9.19 -22.54
C ALA A 136 -2.72 -10.18 -23.23
N ASP A 137 -3.73 -9.67 -23.93
CA ASP A 137 -4.67 -10.54 -24.64
C ASP A 137 -5.30 -9.80 -25.82
N MET A 138 -6.24 -10.45 -26.49
CA MET A 138 -6.87 -9.83 -27.65
C MET A 138 -7.76 -8.63 -27.36
N ALA A 139 -8.33 -8.56 -26.16
CA ALA A 139 -9.16 -7.41 -25.82
C ALA A 139 -8.22 -6.22 -25.73
N ALA A 140 -7.11 -6.40 -25.02
CA ALA A 140 -6.13 -5.33 -24.86
C ALA A 140 -5.49 -4.94 -26.18
N LEU A 141 -5.50 -5.84 -27.17
CA LEU A 141 -4.94 -5.50 -28.47
C LEU A 141 -5.86 -4.47 -29.14
N ILE A 142 -7.15 -4.50 -28.82
CA ILE A 142 -8.10 -3.54 -29.37
C ILE A 142 -7.75 -2.17 -28.77
N THR A 143 -7.53 -2.15 -27.47
CA THR A 143 -7.19 -0.90 -26.80
C THR A 143 -5.88 -0.38 -27.38
N LYS A 144 -4.89 -1.26 -27.53
CA LYS A 144 -3.60 -0.87 -28.08
C LYS A 144 -3.78 -0.13 -29.42
N HIS A 145 -4.58 -0.71 -30.30
CA HIS A 145 -4.79 -0.08 -31.59
C HIS A 145 -5.48 1.27 -31.48
N LYS A 146 -6.46 1.40 -30.58
CA LYS A 146 -7.15 2.69 -30.38
C LYS A 146 -6.15 3.75 -29.92
N TRP A 147 -5.34 3.39 -28.91
CA TRP A 147 -4.38 4.34 -28.36
C TRP A 147 -3.27 4.69 -29.34
N GLU A 148 -2.93 3.77 -30.24
CA GLU A 148 -1.91 4.07 -31.24
C GLU A 148 -2.48 5.07 -32.25
N GLN A 149 -3.71 4.86 -32.69
CA GLN A 149 -4.32 5.77 -33.67
C GLN A 149 -4.53 7.15 -33.07
N ALA A 150 -4.76 7.20 -31.76
CA ALA A 150 -4.98 8.48 -31.11
C ALA A 150 -3.71 9.14 -30.59
N GLY A 151 -2.58 8.46 -30.74
CA GLY A 151 -1.32 9.02 -30.26
C GLY A 151 -1.26 9.21 -28.75
N GLU A 152 -1.84 8.29 -27.99
CA GLU A 152 -1.86 8.42 -26.55
C GLU A 152 -0.50 8.26 -25.89
N ALA A 153 0.36 7.42 -26.44
CA ALA A 153 1.68 7.21 -25.85
C ALA A 153 2.50 8.49 -25.79
N GLU A 154 2.45 9.30 -26.84
CA GLU A 154 3.23 10.52 -26.84
C GLU A 154 2.79 11.48 -25.72
N ARG A 155 1.48 11.55 -25.50
CA ARG A 155 0.93 12.43 -24.46
C ARG A 155 1.28 11.89 -23.07
N LEU A 156 1.24 10.57 -22.94
CA LEU A 156 1.57 9.95 -21.67
C LEU A 156 3.05 10.10 -21.39
N ARG A 157 3.89 9.90 -22.41
CA ARG A 157 5.33 10.08 -22.24
C ARG A 157 5.64 11.51 -21.79
N ALA A 158 4.95 12.50 -22.37
CA ALA A 158 5.17 13.90 -22.00
C ALA A 158 4.84 14.11 -20.52
N TYR A 159 3.77 13.47 -20.04
CA TYR A 159 3.40 13.58 -18.64
C TYR A 159 4.45 12.90 -17.74
N LEU A 160 4.85 11.69 -18.10
CA LEU A 160 5.82 10.96 -17.28
C LEU A 160 7.20 11.60 -17.18
N GLU A 161 7.71 12.13 -18.28
CA GLU A 161 9.04 12.74 -18.26
C GLU A 161 8.98 14.21 -17.85
N GLY A 162 7.83 14.83 -18.03
CA GLY A 162 7.70 16.22 -17.69
C GLY A 162 6.94 16.51 -16.41
N THR A 163 5.63 16.63 -16.53
CA THR A 163 4.75 16.93 -15.42
C THR A 163 5.01 16.09 -14.17
N CYS A 164 5.05 14.79 -14.35
CA CYS A 164 5.25 13.87 -13.23
C CYS A 164 6.56 14.16 -12.47
N VAL A 165 7.65 14.33 -13.22
CA VAL A 165 8.95 14.61 -12.63
C VAL A 165 8.96 15.97 -11.94
N GLU A 166 8.39 16.98 -12.61
CA GLU A 166 8.38 18.31 -12.05
C GLU A 166 7.60 18.41 -10.76
N TRP A 167 6.45 17.76 -10.69
CA TRP A 167 5.66 17.80 -9.47
C TRP A 167 6.30 16.97 -8.36
N LEU A 168 6.91 15.84 -8.72
CA LEU A 168 7.58 15.04 -7.70
C LEU A 168 8.66 15.89 -7.05
N ARG A 169 9.45 16.59 -7.86
CA ARG A 169 10.50 17.44 -7.31
C ARG A 169 9.93 18.49 -6.36
N ARG A 170 8.81 19.12 -6.74
CA ARG A 170 8.17 20.12 -5.91
C ARG A 170 7.65 19.52 -4.59
N TYR A 171 7.09 18.30 -4.66
CA TYR A 171 6.58 17.65 -3.45
C TYR A 171 7.75 17.33 -2.53
N LEU A 172 8.86 16.90 -3.11
CA LEU A 172 10.03 16.57 -2.29
C LEU A 172 10.56 17.86 -1.63
N LYS A 173 10.43 18.99 -2.32
CA LYS A 173 10.88 20.26 -1.76
C LYS A 173 9.90 20.74 -0.69
N ASN A 174 8.61 20.74 -1.01
CA ASN A 174 7.62 21.21 -0.05
C ASN A 174 7.54 20.32 1.19
N GLY A 175 7.59 19.01 0.98
CA GLY A 175 7.50 18.11 2.13
C GLY A 175 8.84 17.54 2.58
N ASN A 176 9.92 18.26 2.34
CA ASN A 176 11.26 17.79 2.70
C ASN A 176 11.41 17.36 4.16
N ALA A 177 10.79 18.10 5.08
CA ALA A 177 10.90 17.75 6.50
C ALA A 177 10.34 16.36 6.77
N THR A 178 9.37 15.96 5.95
CA THR A 178 8.72 14.66 6.08
C THR A 178 9.34 13.61 5.15
N LEU A 179 9.41 13.95 3.87
CA LEU A 179 9.91 13.02 2.85
C LEU A 179 11.39 12.71 2.82
N LEU A 180 12.20 13.68 3.23
CA LEU A 180 13.65 13.48 3.18
C LEU A 180 14.27 13.19 4.55
N ARG A 181 13.42 12.88 5.53
CA ARG A 181 13.91 12.56 6.87
C ARG A 181 14.33 11.10 6.98
N THR A 182 15.03 10.79 8.05
CA THR A 182 15.46 9.43 8.33
C THR A 182 15.17 9.15 9.79
N ASP A 183 14.28 8.21 10.06
CA ASP A 183 13.98 7.80 11.43
C ASP A 183 14.62 6.41 11.53
N SER A 184 15.57 6.26 12.45
N SER A 184 15.57 6.26 12.45
CA SER A 184 16.24 4.96 12.63
CA SER A 184 16.25 4.98 12.63
C SER A 184 15.34 3.93 13.28
C SER A 184 15.35 3.93 13.28
N PRO A 185 15.47 2.66 12.86
CA PRO A 185 14.64 1.61 13.45
C PRO A 185 15.07 1.36 14.88
N LYS A 186 14.12 0.97 15.71
CA LYS A 186 14.40 0.59 17.10
C LYS A 186 13.98 -0.86 17.05
N ALA A 187 14.86 -1.76 17.49
CA ALA A 187 14.56 -3.17 17.42
C ALA A 187 14.54 -3.90 18.74
N HIS A 188 13.83 -5.02 18.79
N HIS A 188 13.81 -5.01 18.78
CA HIS A 188 13.78 -5.88 19.97
CA HIS A 188 13.69 -5.87 19.96
C HIS A 188 13.42 -7.29 19.51
C HIS A 188 13.45 -7.30 19.49
N VAL A 189 13.67 -8.27 20.38
CA VAL A 189 13.40 -9.65 20.03
C VAL A 189 12.43 -10.25 21.04
N THR A 190 11.46 -11.02 20.55
CA THR A 190 10.52 -11.68 21.44
C THR A 190 10.82 -13.16 21.34
N HIS A 191 10.40 -13.89 22.38
CA HIS A 191 10.66 -15.31 22.50
C HIS A 191 9.34 -16.05 22.73
N HIS A 192 9.14 -17.16 22.02
CA HIS A 192 7.91 -17.93 22.17
C HIS A 192 8.17 -19.44 22.12
N SER A 193 7.65 -20.13 23.14
CA SER A 193 7.84 -21.57 23.22
C SER A 193 7.05 -22.29 22.13
N ARG A 194 7.50 -23.49 21.79
CA ARG A 194 6.84 -24.30 20.78
C ARG A 194 6.95 -25.75 21.26
N PRO A 195 6.22 -26.66 20.61
CA PRO A 195 6.36 -28.05 21.05
C PRO A 195 7.68 -28.57 20.47
N GLU A 196 8.17 -29.68 20.98
CA GLU A 196 9.41 -30.27 20.47
C GLU A 196 10.70 -29.53 20.81
N ASP A 197 10.76 -28.91 21.98
CA ASP A 197 11.96 -28.20 22.42
C ASP A 197 12.50 -27.18 21.43
N LYS A 198 11.59 -26.47 20.77
CA LYS A 198 11.99 -25.46 19.82
C LYS A 198 11.41 -24.14 20.27
N VAL A 199 12.05 -23.05 19.87
CA VAL A 199 11.61 -21.72 20.26
C VAL A 199 11.49 -20.84 19.03
N THR A 200 10.53 -19.92 19.04
CA THR A 200 10.37 -18.99 17.93
C THR A 200 10.99 -17.68 18.39
N LEU A 201 11.96 -17.16 17.64
CA LEU A 201 12.58 -15.88 17.98
C LEU A 201 12.06 -14.89 16.93
N ARG A 202 11.50 -13.78 17.39
CA ARG A 202 10.98 -12.79 16.46
C ARG A 202 11.69 -11.46 16.63
N CYS A 203 12.31 -11.00 15.55
CA CYS A 203 13.02 -9.75 15.57
C CYS A 203 12.12 -8.65 15.04
N TRP A 204 11.87 -7.63 15.86
CA TRP A 204 11.00 -6.53 15.47
C TRP A 204 11.82 -5.29 15.15
N ALA A 205 11.41 -4.57 14.11
CA ALA A 205 12.05 -3.31 13.73
C ALA A 205 10.89 -2.32 13.72
N LEU A 206 10.98 -1.29 14.56
CA LEU A 206 9.92 -0.30 14.70
C LEU A 206 10.32 1.15 14.46
N GLY A 207 9.31 1.98 14.24
CA GLY A 207 9.47 3.42 14.05
C GLY A 207 10.41 3.95 13.01
N PHE A 208 10.64 3.20 11.94
CA PHE A 208 11.58 3.66 10.91
C PHE A 208 11.00 4.32 9.66
N TYR A 209 11.86 5.09 9.00
CA TYR A 209 11.52 5.82 7.77
C TYR A 209 12.83 6.17 7.10
N PRO A 210 12.94 5.95 5.76
CA PRO A 210 11.94 5.41 4.84
C PRO A 210 11.65 3.92 5.06
N ALA A 211 10.78 3.37 4.24
CA ALA A 211 10.37 1.98 4.38
C ALA A 211 11.40 0.90 4.09
N ASP A 212 12.35 1.18 3.21
CA ASP A 212 13.34 0.16 2.85
C ASP A 212 14.13 -0.29 4.06
N ILE A 213 14.19 -1.59 4.26
CA ILE A 213 14.90 -2.14 5.40
C ILE A 213 15.18 -3.61 5.14
N THR A 214 16.16 -4.15 5.85
CA THR A 214 16.49 -5.55 5.73
C THR A 214 16.67 -6.11 7.13
N LEU A 215 15.98 -7.21 7.40
CA LEU A 215 16.07 -7.91 8.67
C LEU A 215 16.52 -9.32 8.37
N THR A 216 17.62 -9.74 8.98
CA THR A 216 18.10 -11.09 8.77
C THR A 216 18.41 -11.73 10.12
N TRP A 217 18.45 -13.05 10.12
CA TRP A 217 18.80 -13.81 11.31
C TRP A 217 20.05 -14.59 10.91
N GLN A 218 21.05 -14.60 11.79
CA GLN A 218 22.28 -15.32 11.48
C GLN A 218 22.64 -16.34 12.53
N LEU A 219 23.38 -17.35 12.08
CA LEU A 219 23.90 -18.43 12.90
C LEU A 219 25.28 -18.73 12.32
N ASN A 220 26.32 -18.65 13.16
CA ASN A 220 27.66 -18.92 12.67
C ASN A 220 27.97 -18.07 11.45
N GLY A 221 27.82 -16.76 11.59
CA GLY A 221 28.11 -15.83 10.52
C GLY A 221 27.39 -16.01 9.20
N GLU A 222 26.40 -16.89 9.14
CA GLU A 222 25.67 -17.09 7.88
C GLU A 222 24.21 -16.71 8.05
N GLU A 223 23.57 -16.31 6.95
CA GLU A 223 22.17 -15.91 6.97
C GLU A 223 21.23 -17.09 6.83
N LEU A 224 20.14 -17.05 7.59
CA LEU A 224 19.14 -18.11 7.59
C LEU A 224 17.94 -17.65 6.78
N ILE A 225 18.20 -16.82 5.77
CA ILE A 225 17.15 -16.29 4.91
C ILE A 225 16.15 -17.37 4.49
N GLN A 226 16.58 -18.63 4.53
CA GLN A 226 15.74 -19.73 4.15
C GLN A 226 14.61 -20.02 5.14
N ASP A 227 14.97 -20.58 6.29
CA ASP A 227 13.97 -20.94 7.29
C ASP A 227 13.26 -19.79 8.01
N MET A 228 13.56 -18.55 7.63
CA MET A 228 12.92 -17.41 8.26
C MET A 228 11.48 -17.19 7.80
N GLU A 229 10.69 -16.56 8.67
CA GLU A 229 9.33 -16.20 8.32
C GLU A 229 9.30 -14.69 8.52
N LEU A 230 8.58 -13.98 7.67
CA LEU A 230 8.54 -12.53 7.81
C LEU A 230 7.29 -11.93 7.22
N VAL A 231 7.04 -10.68 7.55
CA VAL A 231 5.90 -9.98 7.00
C VAL A 231 6.46 -8.90 6.12
N GLU A 232 5.67 -8.48 5.14
CA GLU A 232 6.05 -7.40 4.27
C GLU A 232 6.08 -6.18 5.16
N THR A 233 6.98 -5.25 4.87
CA THR A 233 7.10 -4.03 5.65
C THR A 233 5.74 -3.35 5.58
N ARG A 234 5.32 -2.75 6.69
CA ARG A 234 3.99 -2.19 6.75
C ARG A 234 3.92 -0.86 7.49
N PRO A 235 2.97 0.02 7.10
CA PRO A 235 2.76 1.33 7.71
C PRO A 235 2.24 1.13 9.13
N ALA A 236 2.68 2.00 10.03
CA ALA A 236 2.28 1.88 11.44
C ALA A 236 1.29 2.92 11.91
N GLY A 237 0.70 3.65 10.98
CA GLY A 237 -0.33 4.61 11.33
C GLY A 237 0.05 6.04 11.57
N ASP A 238 1.34 6.32 11.63
CA ASP A 238 1.80 7.68 11.88
C ASP A 238 2.86 8.11 10.87
N GLY A 239 2.92 7.42 9.74
CA GLY A 239 3.89 7.76 8.72
C GLY A 239 5.21 7.02 8.81
N THR A 240 5.33 6.10 9.77
CA THR A 240 6.55 5.32 9.93
C THR A 240 6.21 3.88 9.58
N PHE A 241 7.22 3.03 9.51
CA PHE A 241 6.98 1.64 9.13
C PHE A 241 7.46 0.66 10.19
N GLN A 242 7.08 -0.60 9.99
CA GLN A 242 7.41 -1.65 10.94
C GLN A 242 7.60 -2.96 10.20
N LYS A 243 8.35 -3.88 10.77
CA LYS A 243 8.54 -5.17 10.12
C LYS A 243 9.06 -6.15 11.15
N TRP A 244 8.81 -7.43 10.92
CA TRP A 244 9.39 -8.46 11.79
C TRP A 244 9.80 -9.67 10.97
N ALA A 245 10.74 -10.43 11.52
CA ALA A 245 11.26 -11.62 10.87
C ALA A 245 11.51 -12.62 12.00
N SER A 246 11.06 -13.84 11.80
CA SER A 246 11.26 -14.85 12.85
C SER A 246 11.99 -16.08 12.34
N VAL A 247 12.50 -16.87 13.28
CA VAL A 247 13.22 -18.09 12.96
C VAL A 247 12.92 -19.04 14.12
N VAL A 248 12.85 -20.32 13.82
CA VAL A 248 12.59 -21.34 14.83
C VAL A 248 13.92 -22.00 15.14
N VAL A 249 14.34 -21.88 16.39
CA VAL A 249 15.61 -22.41 16.83
C VAL A 249 15.43 -23.46 17.94
N PRO A 250 16.48 -24.25 18.21
CA PRO A 250 16.40 -25.26 19.27
C PRO A 250 16.39 -24.58 20.64
N LEU A 251 15.62 -25.13 21.58
CA LEU A 251 15.57 -24.56 22.91
C LEU A 251 16.95 -24.65 23.55
N GLY A 252 17.36 -23.58 24.22
CA GLY A 252 18.66 -23.55 24.85
C GLY A 252 19.77 -23.02 23.95
N LYS A 253 19.46 -22.82 22.66
CA LYS A 253 20.43 -22.32 21.70
C LYS A 253 20.19 -20.87 21.26
N GLU A 254 19.16 -20.25 21.81
CA GLU A 254 18.81 -18.87 21.44
C GLU A 254 20.01 -17.93 21.39
N GLN A 255 20.98 -18.14 22.27
CA GLN A 255 22.17 -17.30 22.34
C GLN A 255 23.01 -17.25 21.07
N TYR A 256 22.95 -18.30 20.26
CA TYR A 256 23.76 -18.38 19.05
C TYR A 256 23.18 -17.67 17.83
N TYR A 257 21.93 -17.24 17.94
CA TYR A 257 21.27 -16.55 16.85
C TYR A 257 21.22 -15.04 17.05
N THR A 258 21.53 -14.30 15.99
CA THR A 258 21.53 -12.84 16.07
C THR A 258 20.68 -12.23 14.97
N CYS A 259 19.98 -11.17 15.33
CA CYS A 259 19.16 -10.47 14.35
C CYS A 259 19.96 -9.30 13.84
N HIS A 260 19.95 -9.08 12.52
CA HIS A 260 20.68 -7.97 11.96
C HIS A 260 19.69 -7.05 11.25
N VAL A 261 19.75 -5.76 11.56
CA VAL A 261 18.86 -4.76 10.98
C VAL A 261 19.67 -3.76 10.16
N TYR A 262 19.37 -3.67 8.88
CA TYR A 262 20.07 -2.73 8.00
C TYR A 262 19.09 -1.67 7.55
N HIS A 263 19.48 -0.40 7.71
CA HIS A 263 18.61 0.70 7.35
C HIS A 263 19.41 1.97 7.11
N GLN A 264 18.84 2.82 6.27
CA GLN A 264 19.42 4.10 5.91
C GLN A 264 19.79 4.90 7.17
N GLY A 265 19.05 4.70 8.26
CA GLY A 265 19.33 5.43 9.47
C GLY A 265 20.27 4.70 10.42
N LEU A 266 20.99 3.71 9.89
CA LEU A 266 21.93 2.95 10.72
C LEU A 266 23.28 2.84 10.02
N PRO A 267 24.19 3.80 10.30
CA PRO A 267 25.51 3.75 9.67
C PRO A 267 26.11 2.35 9.85
N GLU A 268 25.91 1.80 11.05
CA GLU A 268 26.35 0.45 11.35
C GLU A 268 25.03 -0.27 11.66
N PRO A 269 24.81 -1.44 11.03
CA PRO A 269 23.60 -2.24 11.23
C PRO A 269 23.46 -2.68 12.68
N LEU A 270 22.22 -2.78 13.15
CA LEU A 270 21.97 -3.23 14.51
C LEU A 270 22.16 -4.73 14.61
N THR A 271 22.65 -5.20 15.76
CA THR A 271 22.82 -6.63 16.00
C THR A 271 22.16 -6.90 17.34
N LEU A 272 21.17 -7.79 17.35
CA LEU A 272 20.48 -8.12 18.60
C LEU A 272 20.39 -9.60 18.83
N ARG A 273 20.10 -9.94 20.08
CA ARG A 273 19.93 -11.31 20.50
C ARG A 273 18.84 -11.32 21.56
N TRP A 274 18.24 -12.48 21.77
CA TRP A 274 17.20 -12.64 22.77
C TRP A 274 17.84 -12.47 24.15
N ILE B 1 -9.95 -12.91 -10.54
CA ILE B 1 -8.99 -13.51 -9.57
C ILE B 1 -9.50 -13.34 -8.13
N GLN B 2 -9.31 -14.37 -7.31
CA GLN B 2 -9.75 -14.29 -5.91
C GLN B 2 -8.65 -14.69 -4.94
N LYS B 3 -8.30 -13.76 -4.06
CA LYS B 3 -7.27 -13.98 -3.09
C LYS B 3 -7.77 -13.61 -1.71
N THR B 4 -7.51 -14.50 -0.74
CA THR B 4 -7.94 -14.30 0.64
C THR B 4 -7.03 -13.30 1.34
N PRO B 5 -7.61 -12.38 2.13
CA PRO B 5 -6.75 -11.40 2.80
C PRO B 5 -5.93 -11.91 3.96
N GLN B 6 -4.76 -11.30 4.12
CA GLN B 6 -3.89 -11.59 5.24
C GLN B 6 -4.29 -10.45 6.16
N ILE B 7 -4.54 -10.74 7.42
CA ILE B 7 -4.96 -9.72 8.38
C ILE B 7 -3.92 -9.60 9.49
N GLN B 8 -3.28 -8.44 9.57
CA GLN B 8 -2.23 -8.21 10.55
C GLN B 8 -2.59 -7.10 11.53
N VAL B 9 -2.61 -7.43 12.83
CA VAL B 9 -2.97 -6.48 13.87
C VAL B 9 -1.75 -6.21 14.76
N TYR B 10 -1.40 -4.94 14.90
CA TYR B 10 -0.21 -4.53 15.63
C TYR B 10 -0.25 -3.08 16.09
N SER B 11 0.48 -2.77 17.17
CA SER B 11 0.53 -1.40 17.67
C SER B 11 1.78 -0.69 17.16
N ARG B 12 1.76 0.64 17.14
CA ARG B 12 2.90 1.43 16.70
C ARG B 12 4.07 1.29 17.67
N HIS B 13 3.77 1.37 18.97
CA HIS B 13 4.80 1.25 20.01
C HIS B 13 4.57 -0.02 20.83
N PRO B 14 5.63 -0.60 21.41
CA PRO B 14 5.37 -1.80 22.21
C PRO B 14 4.33 -1.33 23.24
N PRO B 15 3.31 -2.15 23.53
CA PRO B 15 2.33 -1.66 24.49
C PRO B 15 2.73 -1.44 25.94
N GLU B 16 2.21 -0.36 26.52
CA GLU B 16 2.45 -0.04 27.92
C GLU B 16 1.10 0.47 28.42
N ASN B 17 0.52 -0.23 29.39
CA ASN B 17 -0.77 0.18 29.91
C ASN B 17 -0.74 1.63 30.36
N GLY B 18 -1.77 2.38 29.99
CA GLY B 18 -1.84 3.79 30.37
C GLY B 18 -1.13 4.75 29.44
N LYS B 19 -0.34 4.22 28.50
CA LYS B 19 0.40 5.06 27.57
C LYS B 19 -0.22 5.06 26.15
N PRO B 20 -0.53 6.25 25.63
CA PRO B 20 -1.14 6.42 24.29
C PRO B 20 -0.34 5.67 23.24
N ASN B 21 -1.06 5.16 22.24
CA ASN B 21 -0.43 4.35 21.21
C ASN B 21 -1.36 4.39 20.02
N ILE B 22 -1.07 3.57 19.00
CA ILE B 22 -1.88 3.50 17.80
C ILE B 22 -2.06 2.03 17.47
N LEU B 23 -3.29 1.62 17.18
CA LEU B 23 -3.54 0.22 16.83
C LEU B 23 -3.80 0.15 15.33
N ASN B 24 -3.16 -0.81 14.70
CA ASN B 24 -3.25 -1.01 13.27
C ASN B 24 -3.81 -2.36 12.87
N CYS B 25 -4.56 -2.36 11.78
CA CYS B 25 -5.05 -3.59 11.19
C CYS B 25 -4.73 -3.43 9.71
N TYR B 26 -3.73 -4.15 9.24
CA TYR B 26 -3.32 -4.05 7.84
C TYR B 26 -3.86 -5.27 7.15
N VAL B 27 -4.68 -5.04 6.14
CA VAL B 27 -5.32 -6.15 5.41
C VAL B 27 -4.69 -6.14 4.04
N THR B 28 -4.10 -7.28 3.67
CA THR B 28 -3.34 -7.31 2.43
C THR B 28 -3.52 -8.55 1.58
N GLN B 29 -2.94 -8.47 0.38
CA GLN B 29 -2.95 -9.55 -0.60
C GLN B 29 -4.33 -10.08 -0.98
N PHE B 30 -5.33 -9.21 -1.03
CA PHE B 30 -6.67 -9.66 -1.36
C PHE B 30 -7.22 -9.17 -2.70
N HIS B 31 -8.20 -9.92 -3.21
CA HIS B 31 -8.86 -9.60 -4.47
C HIS B 31 -10.10 -10.48 -4.50
N PRO B 32 -11.26 -9.94 -4.89
CA PRO B 32 -11.56 -8.58 -5.31
C PRO B 32 -11.44 -7.52 -4.21
N PRO B 33 -11.44 -6.23 -4.58
CA PRO B 33 -11.31 -5.14 -3.61
C PRO B 33 -12.41 -4.92 -2.59
N HIS B 34 -13.65 -5.30 -2.90
CA HIS B 34 -14.75 -5.12 -1.96
C HIS B 34 -14.41 -5.84 -0.65
N ILE B 35 -14.45 -5.12 0.46
CA ILE B 35 -14.10 -5.71 1.74
C ILE B 35 -14.66 -4.84 2.86
N GLU B 36 -14.91 -5.46 4.00
N GLU B 36 -14.92 -5.46 4.01
CA GLU B 36 -15.44 -4.76 5.16
CA GLU B 36 -15.44 -4.71 5.15
C GLU B 36 -14.46 -4.98 6.29
C GLU B 36 -14.47 -4.97 6.27
N ILE B 37 -13.95 -3.90 6.86
CA ILE B 37 -12.98 -4.00 7.93
C ILE B 37 -13.45 -3.21 9.14
N GLN B 38 -13.55 -3.87 10.29
CA GLN B 38 -13.96 -3.20 11.51
C GLN B 38 -12.95 -3.46 12.60
N MET B 39 -12.62 -2.43 13.38
CA MET B 39 -11.71 -2.62 14.50
C MET B 39 -12.64 -2.63 15.71
N LEU B 40 -12.40 -3.58 16.61
CA LEU B 40 -13.24 -3.75 17.79
C LEU B 40 -12.48 -3.65 19.09
N LYS B 41 -13.12 -3.02 20.09
CA LYS B 41 -12.56 -2.91 21.42
C LYS B 41 -13.55 -3.63 22.30
N ASN B 42 -13.10 -4.69 22.97
CA ASN B 42 -13.99 -5.46 23.83
C ASN B 42 -15.26 -5.85 23.10
N GLY B 43 -15.09 -6.29 21.85
CA GLY B 43 -16.21 -6.73 21.04
C GLY B 43 -17.10 -5.65 20.48
N LYS B 44 -16.79 -4.40 20.76
CA LYS B 44 -17.61 -3.29 20.27
C LYS B 44 -16.87 -2.49 19.21
N LYS B 45 -17.55 -2.16 18.11
CA LYS B 45 -16.91 -1.40 17.05
C LYS B 45 -16.33 -0.10 17.58
N ILE B 46 -15.11 0.22 17.13
CA ILE B 46 -14.43 1.46 17.55
C ILE B 46 -14.90 2.52 16.54
N PRO B 47 -15.40 3.66 17.04
CA PRO B 47 -15.86 4.69 16.11
C PRO B 47 -14.72 5.51 15.51
N LYS B 48 -14.95 6.05 14.31
CA LYS B 48 -13.96 6.90 13.65
C LYS B 48 -12.58 6.29 13.38
N VAL B 49 -12.56 5.03 12.95
CA VAL B 49 -11.30 4.38 12.63
C VAL B 49 -10.85 5.00 11.31
N GLU B 50 -9.56 5.26 11.15
CA GLU B 50 -9.06 5.85 9.92
C GLU B 50 -8.64 4.77 8.93
N MET B 51 -9.07 4.89 7.68
CA MET B 51 -8.70 3.94 6.65
C MET B 51 -7.67 4.69 5.81
N SER B 52 -6.54 4.05 5.54
CA SER B 52 -5.52 4.74 4.76
C SER B 52 -4.60 3.75 4.09
N ASP B 53 -3.62 4.30 3.38
CA ASP B 53 -2.61 3.50 2.70
C ASP B 53 -3.15 2.43 1.80
N MET B 54 -4.21 2.76 1.06
CA MET B 54 -4.74 1.80 0.11
C MET B 54 -3.82 1.76 -1.10
N SER B 55 -3.40 0.56 -1.48
CA SER B 55 -2.54 0.40 -2.65
C SER B 55 -2.70 -1.02 -3.14
N PHE B 56 -1.93 -1.37 -4.15
CA PHE B 56 -1.94 -2.74 -4.63
C PHE B 56 -0.54 -3.11 -5.08
N SER B 57 -0.25 -4.41 -5.08
CA SER B 57 1.08 -4.86 -5.42
C SER B 57 1.24 -5.12 -6.92
N LYS B 58 2.42 -5.60 -7.29
CA LYS B 58 2.71 -5.91 -8.68
C LYS B 58 1.80 -7.01 -9.19
N ASP B 59 1.29 -7.87 -8.31
CA ASP B 59 0.37 -8.92 -8.75
C ASP B 59 -1.08 -8.46 -8.66
N TRP B 60 -1.25 -7.16 -8.45
CA TRP B 60 -2.55 -6.50 -8.36
C TRP B 60 -3.39 -6.71 -7.10
N SER B 61 -2.88 -7.46 -6.13
CA SER B 61 -3.65 -7.69 -4.91
C SER B 61 -3.67 -6.41 -4.09
N PHE B 62 -4.76 -6.19 -3.38
CA PHE B 62 -4.94 -4.98 -2.58
C PHE B 62 -4.36 -4.97 -1.16
N TYR B 63 -4.05 -3.76 -0.69
CA TYR B 63 -3.53 -3.51 0.63
C TYR B 63 -4.27 -2.30 1.18
N ILE B 64 -4.62 -2.32 2.45
CA ILE B 64 -5.26 -1.18 3.07
C ILE B 64 -5.06 -1.26 4.58
N LEU B 65 -4.87 -0.08 5.19
CA LEU B 65 -4.64 0.04 6.61
C LEU B 65 -5.78 0.72 7.34
N ALA B 66 -6.17 0.14 8.47
CA ALA B 66 -7.18 0.71 9.34
C ALA B 66 -6.39 1.02 10.61
N HIS B 67 -6.50 2.23 11.14
CA HIS B 67 -5.78 2.51 12.37
C HIS B 67 -6.53 3.47 13.28
N THR B 68 -6.21 3.39 14.56
CA THR B 68 -6.88 4.24 15.55
C THR B 68 -5.96 4.47 16.73
N GLU B 69 -6.13 5.61 17.40
CA GLU B 69 -5.33 5.88 18.56
C GLU B 69 -5.94 5.08 19.70
N PHE B 70 -5.12 4.61 20.61
CA PHE B 70 -5.66 3.86 21.73
C PHE B 70 -4.69 3.84 22.87
N THR B 71 -5.22 3.68 24.07
CA THR B 71 -4.40 3.60 25.25
C THR B 71 -4.71 2.24 25.84
N PRO B 72 -3.80 1.27 25.68
CA PRO B 72 -4.05 -0.05 26.22
C PRO B 72 -4.14 -0.08 27.75
N THR B 73 -5.03 -0.91 28.25
CA THR B 73 -5.19 -1.11 29.70
C THR B 73 -4.88 -2.59 29.81
N GLU B 74 -4.76 -3.11 31.03
CA GLU B 74 -4.45 -4.51 31.13
C GLU B 74 -5.62 -5.40 30.74
N THR B 75 -6.85 -4.92 30.91
CA THR B 75 -8.02 -5.74 30.60
C THR B 75 -8.61 -5.65 29.20
N ASP B 76 -8.45 -4.51 28.54
CA ASP B 76 -9.02 -4.33 27.21
C ASP B 76 -8.46 -5.24 26.13
N THR B 77 -9.33 -5.85 25.36
CA THR B 77 -8.88 -6.69 24.26
C THR B 77 -9.29 -5.95 22.98
N TYR B 78 -8.57 -6.21 21.90
CA TYR B 78 -8.84 -5.56 20.62
C TYR B 78 -8.74 -6.57 19.49
N ALA B 79 -9.51 -6.35 18.44
CA ALA B 79 -9.47 -7.26 17.30
C ALA B 79 -9.87 -6.52 16.04
N CYS B 80 -9.68 -7.18 14.91
CA CYS B 80 -10.02 -6.64 13.61
C CYS B 80 -10.88 -7.70 12.94
N ARG B 81 -12.08 -7.32 12.54
CA ARG B 81 -13.00 -8.25 11.88
C ARG B 81 -13.11 -7.90 10.41
N VAL B 82 -12.90 -8.89 9.55
CA VAL B 82 -12.92 -8.67 8.11
C VAL B 82 -13.87 -9.61 7.38
N LYS B 83 -14.64 -9.05 6.46
CA LYS B 83 -15.57 -9.82 5.65
C LYS B 83 -15.11 -9.63 4.21
N HIS B 84 -14.91 -10.74 3.51
CA HIS B 84 -14.45 -10.71 2.12
C HIS B 84 -15.06 -11.92 1.43
N ASP B 85 -15.34 -11.81 0.14
CA ASP B 85 -15.96 -12.92 -0.59
C ASP B 85 -15.17 -14.22 -0.63
N SER B 86 -13.86 -14.15 -0.38
CA SER B 86 -13.01 -15.33 -0.40
C SER B 86 -13.21 -16.18 0.84
N MET B 87 -13.93 -15.63 1.82
CA MET B 87 -14.15 -16.34 3.07
C MET B 87 -15.62 -16.53 3.34
N ALA B 88 -16.00 -17.75 3.65
CA ALA B 88 -17.39 -18.05 3.93
C ALA B 88 -17.85 -17.28 5.17
N GLU B 89 -17.01 -17.31 6.21
CA GLU B 89 -17.30 -16.65 7.48
C GLU B 89 -16.44 -15.41 7.71
N PRO B 90 -16.96 -14.42 8.46
CA PRO B 90 -16.19 -13.21 8.76
C PRO B 90 -14.98 -13.70 9.56
N LYS B 91 -13.85 -13.01 9.45
CA LYS B 91 -12.67 -13.42 10.19
C LYS B 91 -12.30 -12.36 11.21
N THR B 92 -12.15 -12.79 12.46
CA THR B 92 -11.80 -11.89 13.54
C THR B 92 -10.38 -12.22 14.00
N VAL B 93 -9.49 -11.24 13.90
CA VAL B 93 -8.10 -11.44 14.30
C VAL B 93 -7.82 -10.57 15.50
N TYR B 94 -7.50 -11.20 16.63
CA TYR B 94 -7.22 -10.41 17.82
C TYR B 94 -5.81 -9.88 17.84
N TRP B 95 -5.64 -8.75 18.50
CA TRP B 95 -4.34 -8.16 18.70
C TRP B 95 -3.64 -9.07 19.74
N ASP B 96 -2.40 -9.46 19.45
CA ASP B 96 -1.61 -10.30 20.36
C ASP B 96 -0.53 -9.39 20.89
N ARG B 97 -0.75 -8.82 22.06
CA ARG B 97 0.23 -7.89 22.61
C ARG B 97 1.57 -8.48 23.03
N ASP B 98 1.72 -9.79 22.97
CA ASP B 98 3.00 -10.42 23.34
C ASP B 98 3.77 -10.91 22.13
N MET B 99 3.20 -10.76 20.94
CA MET B 99 3.83 -11.24 19.72
C MET B 99 5.28 -10.79 19.56
N PHE C 1 1.02 15.62 -9.23
CA PHE C 1 -0.15 15.98 -10.06
C PHE C 1 -0.48 14.76 -10.93
N ALA C 2 -1.75 14.37 -10.91
CA ALA C 2 -2.22 13.20 -11.63
C ALA C 2 -2.24 13.30 -13.13
N PRO C 3 -2.26 12.15 -13.81
CA PRO C 3 -2.31 12.16 -15.28
C PRO C 3 -3.48 13.05 -15.71
N GLY C 4 -3.32 13.78 -16.81
CA GLY C 4 -4.39 14.65 -17.28
C GLY C 4 -5.72 13.92 -17.43
N ASN C 5 -5.65 12.68 -17.93
CA ASN C 5 -6.83 11.86 -18.10
C ASN C 5 -6.39 10.44 -18.42
N TYR C 6 -7.36 9.54 -18.47
CA TYR C 6 -7.08 8.16 -18.78
C TYR C 6 -7.95 7.82 -19.98
N PRO C 7 -7.35 7.81 -21.17
CA PRO C 7 -8.09 7.50 -22.40
C PRO C 7 -8.90 6.22 -22.22
N ALA C 8 -10.13 6.21 -22.74
CA ALA C 8 -10.98 5.03 -22.62
C ALA C 8 -10.36 3.84 -23.33
N LEU C 9 -10.60 2.66 -22.78
CA LEU C 9 -10.09 1.40 -23.32
C LEU C 9 -10.82 0.98 -24.62
#